data_5TU6
#
_entry.id   5TU6
#
_cell.length_a   116.490
_cell.length_b   116.490
_cell.length_c   43.580
_cell.angle_alpha   90.00
_cell.angle_beta   90.00
_cell.angle_gamma   120.00
#
_symmetry.space_group_name_H-M   'P 65'
#
loop_
_entity.id
_entity.type
_entity.pdbx_description
1 polymer 'PagF prenyltransferase'
2 polymer 'cyclic[INPYLYP] peptide'
3 non-polymer 'MAGNESIUM ION'
4 non-polymer METHIONINE
5 non-polymer 'DIMETHYLALLYL S-THIOLODIPHOSPHATE'
6 water water
#
loop_
_entity_poly.entity_id
_entity_poly.type
_entity_poly.pdbx_seq_one_letter_code
_entity_poly.pdbx_strand_id
1 'polypeptide(L)'
;MIVNVIQKDRLKEQKLQFIRNHQQAFDVEPIYPLPLFEDFVTSIEGDCSLEASCKIESDKLIASRFLLFFEDKTQEWQKY
LHQSLTFFGLVENRVGVKINYSLLQQFLGSSFDFSKVTVLSAGIDLRNNLAESSLKMHIRIKDYPEKLDKAFALSDGAAD
GNYLKDFVNLIGFDFYFNGKSEIEIYAEVQEDDFFKPEINNLVWQHFPKTALQPLKASSLFFTGLSKANNNPVLYYHLKN
RQDLTNYFKLNDTAQRVHSFYQHQDILPYMWVGTAQKELEKTRIENIRLYYYKSFKMESN
;
A
2 'polypeptide(L)' INPYLYP B
#
# COMPACT_ATOMS: atom_id res chain seq x y z
N MET A 1 -1.58 -17.49 -30.90
CA MET A 1 -2.78 -17.53 -30.00
C MET A 1 -2.63 -18.54 -28.85
N ILE A 2 -2.15 -19.76 -29.16
CA ILE A 2 -1.89 -20.81 -28.14
C ILE A 2 -0.89 -20.35 -27.05
N VAL A 3 0.14 -19.60 -27.46
CA VAL A 3 1.06 -18.92 -26.56
C VAL A 3 0.35 -18.07 -25.52
N ASN A 4 -0.66 -17.30 -25.95
CA ASN A 4 -1.46 -16.43 -25.05
C ASN A 4 -2.19 -17.27 -24.01
N VAL A 5 -2.75 -18.40 -24.45
CA VAL A 5 -3.49 -19.33 -23.58
C VAL A 5 -2.59 -19.90 -22.46
N ILE A 6 -1.39 -20.34 -22.81
CA ILE A 6 -0.42 -20.88 -21.85
C ILE A 6 -0.08 -19.78 -20.84
N GLN A 7 0.37 -18.63 -21.36
CA GLN A 7 0.81 -17.49 -20.54
C GLN A 7 -0.27 -16.97 -19.58
N LYS A 8 -1.51 -16.89 -20.06
CA LYS A 8 -2.64 -16.52 -19.23
C LYS A 8 -2.73 -17.41 -17.99
N ASP A 9 -2.77 -18.72 -18.21
CA ASP A 9 -2.90 -19.70 -17.13
C ASP A 9 -1.69 -19.69 -16.19
N ARG A 10 -0.51 -19.55 -16.78
CA ARG A 10 0.74 -19.41 -16.05
C ARG A 10 0.70 -18.20 -15.08
N LEU A 11 0.24 -17.05 -15.57
CA LEU A 11 0.20 -15.83 -14.75
C LEU A 11 -0.78 -15.94 -13.58
N LYS A 12 -1.96 -16.51 -13.85
CA LYS A 12 -2.97 -16.84 -12.85
C LYS A 12 -2.38 -17.64 -11.68
N GLU A 13 -1.67 -18.72 -12.01
CA GLU A 13 -1.07 -19.61 -11.01
C GLU A 13 0.10 -18.97 -10.26
N GLN A 14 0.92 -18.19 -10.96
CA GLN A 14 2.06 -17.50 -10.37
C GLN A 14 1.61 -16.48 -9.33
N LYS A 15 0.50 -15.80 -9.63
CA LYS A 15 -0.15 -14.87 -8.71
C LYS A 15 -0.69 -15.55 -7.46
N LEU A 16 -1.49 -16.61 -7.64
CA LEU A 16 -1.98 -17.40 -6.51
C LEU A 16 -0.82 -17.95 -5.69
N GLN A 17 0.22 -18.43 -6.37
CA GLN A 17 1.43 -18.93 -5.70
C GLN A 17 2.07 -17.89 -4.77
N PHE A 18 2.32 -16.68 -5.27
CA PHE A 18 2.84 -15.58 -4.44
C PHE A 18 1.97 -15.35 -3.20
N ILE A 19 0.65 -15.35 -3.39
CA ILE A 19 -0.31 -15.17 -2.31
C ILE A 19 -0.21 -16.31 -1.29
N ARG A 20 -0.26 -17.56 -1.79
CA ARG A 20 -0.18 -18.76 -0.94
C ARG A 20 1.13 -18.83 -0.20
N ASN A 21 2.24 -18.42 -0.83
CA ASN A 21 3.55 -18.46 -0.16
C ASN A 21 3.53 -17.66 1.11
N HIS A 22 2.85 -16.52 1.03
CA HIS A 22 2.88 -15.52 2.07
C HIS A 22 1.95 -15.97 3.16
N GLN A 23 0.76 -16.42 2.79
CA GLN A 23 -0.23 -16.86 3.77
C GLN A 23 0.28 -18.11 4.52
N GLN A 24 0.77 -19.07 3.76
CA GLN A 24 1.24 -20.33 4.31
C GLN A 24 2.44 -20.22 5.25
N ALA A 25 3.25 -19.18 5.07
CA ALA A 25 4.39 -18.89 5.92
C ALA A 25 3.97 -18.36 7.29
N PHE A 26 2.88 -17.59 7.36
CA PHE A 26 2.52 -16.85 8.58
C PHE A 26 1.16 -17.18 9.23
N ASP A 27 0.33 -17.96 8.52
CA ASP A 27 -1.03 -18.33 8.97
C ASP A 27 -1.32 -19.74 8.49
N VAL A 28 -1.48 -20.69 9.41
CA VAL A 28 -1.79 -22.08 9.03
C VAL A 28 -3.10 -22.14 8.25
N GLU A 29 -4.10 -21.38 8.70
CA GLU A 29 -5.36 -21.28 8.01
C GLU A 29 -5.49 -19.90 7.35
N PRO A 30 -6.05 -19.84 6.13
CA PRO A 30 -6.33 -18.54 5.49
C PRO A 30 -7.43 -17.77 6.23
N ILE A 31 -7.26 -16.46 6.40
CA ILE A 31 -8.32 -15.63 6.99
C ILE A 31 -9.41 -15.42 5.94
N TYR A 32 -10.67 -15.66 6.32
CA TYR A 32 -11.81 -15.38 5.44
C TYR A 32 -11.96 -13.86 5.39
N PRO A 33 -12.17 -13.24 4.22
CA PRO A 33 -12.45 -13.90 2.95
C PRO A 33 -11.31 -13.85 1.92
N LEU A 34 -10.11 -14.28 2.31
CA LEU A 34 -8.97 -14.35 1.36
C LEU A 34 -9.29 -15.05 0.02
N PRO A 35 -10.07 -16.19 0.04
CA PRO A 35 -10.40 -16.84 -1.23
C PRO A 35 -11.13 -15.92 -2.24
N LEU A 36 -11.90 -14.95 -1.74
CA LEU A 36 -12.53 -13.96 -2.63
C LEU A 36 -11.50 -13.03 -3.29
N PHE A 37 -10.48 -12.62 -2.53
CA PHE A 37 -9.37 -11.83 -3.12
C PHE A 37 -8.61 -12.66 -4.14
N GLU A 38 -8.37 -13.93 -3.79
CA GLU A 38 -7.73 -14.89 -4.70
C GLU A 38 -8.48 -15.00 -6.04
N ASP A 39 -9.82 -15.06 -5.98
CA ASP A 39 -10.69 -15.08 -7.18
C ASP A 39 -10.57 -13.80 -7.99
N PHE A 40 -10.47 -12.67 -7.29
CA PHE A 40 -10.35 -11.35 -7.91
C PHE A 40 -9.04 -11.18 -8.68
N VAL A 41 -7.91 -11.58 -8.08
CA VAL A 41 -6.61 -11.48 -8.77
C VAL A 41 -6.56 -12.38 -10.01
N THR A 42 -7.19 -13.54 -9.89
CA THR A 42 -7.37 -14.51 -10.96
C THR A 42 -8.16 -13.91 -12.13
N SER A 43 -9.21 -13.15 -11.83
CA SER A 43 -10.07 -12.56 -12.86
C SER A 43 -9.38 -11.45 -13.68
N ILE A 44 -8.33 -10.84 -13.13
CA ILE A 44 -7.58 -9.77 -13.82
C ILE A 44 -6.60 -10.40 -14.81
N GLU A 45 -6.73 -10.03 -16.09
CA GLU A 45 -5.95 -10.69 -17.15
C GLU A 45 -4.69 -9.98 -17.66
N GLY A 46 -4.66 -8.66 -17.51
CA GLY A 46 -3.48 -7.90 -17.90
C GLY A 46 -2.29 -8.03 -16.96
N ASP A 47 -1.29 -7.17 -17.20
CA ASP A 47 -0.12 -7.08 -16.36
C ASP A 47 -0.44 -6.44 -15.01
N CYS A 48 0.02 -7.06 -13.93
CA CYS A 48 -0.21 -6.53 -12.59
C CYS A 48 0.98 -6.78 -11.70
N SER A 49 1.04 -6.05 -10.60
CA SER A 49 1.88 -6.42 -9.45
C SER A 49 1.03 -6.78 -8.24
N LEU A 50 1.62 -7.57 -7.36
CA LEU A 50 1.03 -7.88 -6.06
C LEU A 50 1.97 -7.43 -4.96
N GLU A 51 1.37 -6.89 -3.92
CA GLU A 51 2.01 -6.55 -2.66
C GLU A 51 1.52 -7.55 -1.61
N ALA A 52 2.45 -8.19 -0.90
CA ALA A 52 2.14 -8.99 0.27
C ALA A 52 2.82 -8.36 1.46
N SER A 53 2.09 -8.29 2.57
CA SER A 53 2.49 -7.44 3.66
C SER A 53 2.26 -8.01 5.05
N CYS A 54 3.11 -7.60 5.98
CA CYS A 54 2.96 -7.93 7.39
C CYS A 54 2.99 -6.68 8.26
N LYS A 55 2.03 -6.56 9.17
CA LYS A 55 2.07 -5.52 10.21
C LYS A 55 2.41 -6.18 11.56
N ILE A 56 3.49 -5.70 12.18
CA ILE A 56 4.04 -6.30 13.39
C ILE A 56 3.67 -5.39 14.55
N GLU A 57 3.04 -5.97 15.58
CA GLU A 57 2.70 -5.21 16.78
C GLU A 57 3.23 -5.96 17.98
N SER A 58 4.46 -5.60 18.37
CA SER A 58 5.25 -6.38 19.34
C SER A 58 5.41 -7.80 18.79
N ASP A 59 4.79 -8.78 19.45
CA ASP A 59 4.87 -10.16 18.97
C ASP A 59 3.64 -10.56 18.12
N LYS A 60 2.71 -9.63 17.89
CA LYS A 60 1.55 -9.93 17.06
C LYS A 60 1.91 -9.75 15.59
N LEU A 61 1.71 -10.82 14.82
CA LEU A 61 1.94 -10.82 13.38
C LEU A 61 0.61 -10.79 12.65
N ILE A 62 0.39 -9.72 11.89
CA ILE A 62 -0.80 -9.57 11.05
C ILE A 62 -0.33 -9.68 9.61
N ALA A 63 -0.76 -10.75 8.94
CA ALA A 63 -0.16 -11.17 7.66
C ALA A 63 -1.14 -11.36 6.52
N SER A 64 -2.43 -11.18 6.75
CA SER A 64 -3.42 -11.33 5.69
C SER A 64 -3.67 -10.00 4.95
N ARG A 65 -2.57 -9.41 4.44
CA ARG A 65 -2.55 -8.11 3.76
C ARG A 65 -2.00 -8.29 2.35
N PHE A 66 -2.84 -7.98 1.36
CA PHE A 66 -2.50 -8.14 -0.05
C PHE A 66 -3.10 -7.01 -0.86
N LEU A 67 -2.35 -6.57 -1.88
CA LEU A 67 -2.81 -5.56 -2.82
C LEU A 67 -2.44 -5.90 -4.25
N LEU A 68 -3.37 -5.62 -5.18
CA LEU A 68 -3.11 -5.70 -6.61
C LEU A 68 -3.00 -4.28 -7.20
N PHE A 69 -1.95 -4.07 -8.01
CA PHE A 69 -1.71 -2.84 -8.77
C PHE A 69 -2.02 -3.15 -10.22
N PHE A 70 -2.93 -2.36 -10.81
CA PHE A 70 -3.26 -2.50 -12.22
C PHE A 70 -2.15 -1.85 -13.04
N GLU A 71 -1.50 -2.63 -13.88
CA GLU A 71 -0.34 -2.13 -14.58
C GLU A 71 -0.34 -2.45 -16.06
N ASP A 72 -1.53 -2.81 -16.56
CA ASP A 72 -1.69 -3.05 -17.98
C ASP A 72 -1.63 -1.72 -18.72
N LYS A 73 -0.56 -1.53 -19.50
CA LYS A 73 -0.15 -0.22 -20.07
C LYS A 73 -1.15 0.46 -21.01
N THR A 74 -2.33 -0.16 -21.14
CA THR A 74 -3.49 0.39 -21.82
C THR A 74 -4.08 1.63 -21.10
N GLN A 75 -3.75 1.81 -19.82
CA GLN A 75 -4.25 2.93 -18.98
C GLN A 75 -5.79 3.00 -18.89
N GLU A 76 -6.44 1.83 -18.76
CA GLU A 76 -7.90 1.71 -18.70
C GLU A 76 -8.42 1.88 -17.25
N TRP A 77 -8.08 3.01 -16.62
CA TRP A 77 -8.32 3.23 -15.19
C TRP A 77 -9.75 3.05 -14.71
N GLN A 78 -10.71 3.61 -15.47
CA GLN A 78 -12.14 3.48 -15.17
C GLN A 78 -12.58 2.02 -15.18
N LYS A 79 -12.06 1.24 -16.12
CA LYS A 79 -12.37 -0.17 -16.23
C LYS A 79 -11.87 -0.90 -14.97
N TYR A 80 -10.68 -0.52 -14.50
CA TYR A 80 -10.08 -1.15 -13.34
C TYR A 80 -10.77 -0.76 -12.04
N LEU A 81 -11.20 0.50 -11.98
CA LEU A 81 -12.01 0.98 -10.87
C LEU A 81 -13.30 0.18 -10.78
N HIS A 82 -13.98 -0.01 -11.92
CA HIS A 82 -15.23 -0.76 -11.95
C HIS A 82 -15.06 -2.25 -11.58
N GLN A 83 -13.97 -2.88 -12.04
CA GLN A 83 -13.62 -4.23 -11.58
C GLN A 83 -13.35 -4.32 -10.08
N SER A 84 -12.63 -3.35 -9.53
CA SER A 84 -12.35 -3.31 -8.08
C SER A 84 -13.63 -3.19 -7.25
N LEU A 85 -14.49 -2.26 -7.64
CA LEU A 85 -15.78 -2.06 -6.98
C LEU A 85 -16.71 -3.26 -7.10
N THR A 86 -16.65 -3.95 -8.26
CA THR A 86 -17.41 -5.19 -8.45
C THR A 86 -16.92 -6.23 -7.44
N PHE A 87 -15.60 -6.41 -7.34
CA PHE A 87 -15.03 -7.25 -6.28
C PHE A 87 -15.50 -6.84 -4.87
N PHE A 88 -15.44 -5.54 -4.54
CA PHE A 88 -15.88 -5.06 -3.22
C PHE A 88 -17.34 -5.43 -2.92
N GLY A 89 -18.21 -5.27 -3.93
CA GLY A 89 -19.61 -5.68 -3.87
C GLY A 89 -19.80 -7.17 -3.57
N LEU A 90 -18.98 -8.00 -4.22
CA LEU A 90 -18.99 -9.44 -3.98
C LEU A 90 -18.64 -9.76 -2.52
N VAL A 91 -17.64 -9.06 -1.98
CA VAL A 91 -17.26 -9.19 -0.58
C VAL A 91 -18.46 -8.81 0.31
N GLU A 92 -19.17 -7.75 -0.05
CA GLU A 92 -20.38 -7.31 0.68
C GLU A 92 -21.45 -8.41 0.73
N ASN A 93 -21.77 -8.96 -0.43
CA ASN A 93 -22.68 -10.10 -0.57
C ASN A 93 -22.29 -11.31 0.26
N ARG A 94 -21.07 -11.84 0.06
CA ARG A 94 -20.66 -13.08 0.73
C ARG A 94 -20.48 -12.93 2.23
N VAL A 95 -19.94 -11.79 2.65
CA VAL A 95 -19.64 -11.60 4.07
C VAL A 95 -20.88 -11.11 4.83
N GLY A 96 -21.81 -10.46 4.13
CA GLY A 96 -22.99 -9.87 4.77
C GLY A 96 -22.65 -8.58 5.48
N VAL A 97 -21.86 -7.74 4.83
CA VAL A 97 -21.51 -6.41 5.34
C VAL A 97 -21.88 -5.30 4.34
N LYS A 98 -21.93 -4.06 4.84
CA LYS A 98 -22.12 -2.89 3.98
C LYS A 98 -20.95 -1.92 4.14
N ILE A 99 -20.26 -1.70 3.02
CA ILE A 99 -19.13 -0.79 2.93
C ILE A 99 -19.65 0.65 2.84
N ASN A 100 -19.00 1.54 3.60
CA ASN A 100 -19.20 2.97 3.48
C ASN A 100 -18.27 3.54 2.39
N TYR A 101 -18.87 3.89 1.24
CA TYR A 101 -18.13 4.40 0.08
C TYR A 101 -18.00 5.92 0.00
N SER A 102 -18.52 6.63 1.00
CA SER A 102 -18.73 8.08 0.89
C SER A 102 -17.45 8.88 0.58
N LEU A 103 -16.34 8.50 1.19
CA LEU A 103 -15.08 9.21 0.99
C LEU A 103 -14.56 9.03 -0.43
N LEU A 104 -14.63 7.81 -0.96
CA LEU A 104 -14.32 7.57 -2.37
C LEU A 104 -15.27 8.29 -3.32
N GLN A 105 -16.58 8.27 -3.01
CA GLN A 105 -17.59 8.94 -3.85
C GLN A 105 -17.35 10.44 -3.94
N GLN A 106 -17.05 11.07 -2.81
CA GLN A 106 -16.82 12.50 -2.75
C GLN A 106 -15.53 12.85 -3.47
N PHE A 107 -14.50 12.01 -3.30
CA PHE A 107 -13.24 12.17 -4.02
C PHE A 107 -13.40 12.06 -5.53
N LEU A 108 -14.08 11.01 -5.99
CA LEU A 108 -14.39 10.87 -7.41
C LEU A 108 -15.31 12.00 -7.90
N GLY A 109 -16.23 12.43 -7.04
CA GLY A 109 -17.18 13.48 -7.37
C GLY A 109 -17.93 13.13 -8.64
N SER A 110 -18.30 14.15 -9.40
CA SER A 110 -19.05 13.94 -10.64
C SER A 110 -18.20 14.00 -11.90
N SER A 111 -17.04 14.63 -11.81
CA SER A 111 -16.26 14.98 -13.00
C SER A 111 -14.86 14.38 -13.12
N PHE A 112 -14.65 13.17 -12.61
CA PHE A 112 -13.28 12.62 -12.48
C PHE A 112 -12.54 12.42 -13.80
N ASP A 113 -11.34 12.99 -13.86
CA ASP A 113 -10.49 12.90 -15.03
C ASP A 113 -9.51 11.72 -14.86
N PHE A 114 -9.88 10.59 -15.47
CA PHE A 114 -9.13 9.35 -15.34
C PHE A 114 -7.75 9.38 -16.01
N SER A 115 -7.58 10.29 -16.99
CA SER A 115 -6.30 10.49 -17.67
C SER A 115 -5.23 11.02 -16.73
N LYS A 116 -5.64 11.55 -15.58
CA LYS A 116 -4.68 12.01 -14.56
C LYS A 116 -4.25 10.94 -13.52
N VAL A 117 -4.79 9.73 -13.62
CA VAL A 117 -4.42 8.63 -12.73
C VAL A 117 -3.12 7.98 -13.22
N THR A 118 -2.18 7.74 -12.31
CA THR A 118 -0.94 7.03 -12.68
C THR A 118 -0.74 5.68 -11.94
N VAL A 119 -1.47 5.49 -10.84
CA VAL A 119 -1.51 4.20 -10.11
C VAL A 119 -2.95 3.93 -9.66
N LEU A 120 -3.38 2.67 -9.75
CA LEU A 120 -4.58 2.20 -9.05
C LEU A 120 -4.36 0.82 -8.45
N SER A 121 -4.72 0.70 -7.17
CA SER A 121 -4.62 -0.55 -6.44
C SER A 121 -5.94 -0.93 -5.82
N ALA A 122 -6.14 -2.23 -5.62
CA ALA A 122 -7.28 -2.76 -4.86
C ALA A 122 -6.81 -3.96 -4.02
N GLY A 123 -7.34 -4.06 -2.81
CA GLY A 123 -6.89 -5.09 -1.90
C GLY A 123 -7.61 -5.22 -0.58
N ILE A 124 -6.93 -5.89 0.34
CA ILE A 124 -7.54 -6.40 1.57
C ILE A 124 -6.56 -6.28 2.72
N ASP A 125 -7.10 -6.04 3.91
CA ASP A 125 -6.33 -6.15 5.14
C ASP A 125 -7.21 -6.85 6.19
N LEU A 126 -7.11 -8.18 6.23
CA LEU A 126 -8.11 -9.04 6.86
C LEU A 126 -7.73 -9.52 8.25
N ARG A 127 -8.71 -9.51 9.16
CA ARG A 127 -8.52 -9.89 10.57
C ARG A 127 -9.51 -10.99 10.94
N ASN A 128 -9.26 -11.65 12.07
CA ASN A 128 -10.19 -12.66 12.62
C ASN A 128 -11.47 -12.02 13.18
N ASN A 129 -11.33 -10.79 13.64
CA ASN A 129 -12.43 -9.93 14.00
C ASN A 129 -12.91 -9.22 12.72
N LEU A 130 -14.01 -9.70 12.14
CA LEU A 130 -14.55 -9.19 10.88
C LEU A 130 -14.62 -7.67 10.81
N ALA A 131 -15.18 -7.04 11.86
CA ALA A 131 -15.32 -5.57 11.98
C ALA A 131 -14.01 -4.80 11.76
N GLU A 132 -12.90 -5.43 12.14
CA GLU A 132 -11.58 -4.83 12.02
C GLU A 132 -10.92 -5.09 10.66
N SER A 133 -11.51 -5.98 9.86
CA SER A 133 -11.09 -6.21 8.48
C SER A 133 -11.42 -5.03 7.58
N SER A 134 -10.61 -4.84 6.54
CA SER A 134 -10.82 -3.76 5.58
C SER A 134 -10.48 -4.12 4.14
N LEU A 135 -11.17 -3.41 3.24
CA LEU A 135 -10.84 -3.40 1.84
C LEU A 135 -10.04 -2.14 1.61
N LYS A 136 -9.16 -2.15 0.62
CA LYS A 136 -8.24 -1.02 0.38
C LYS A 136 -8.22 -0.61 -1.08
N MET A 137 -7.98 0.67 -1.31
CA MET A 137 -7.74 1.19 -2.66
C MET A 137 -6.77 2.37 -2.55
N HIS A 138 -5.83 2.46 -3.48
CA HIS A 138 -5.03 3.68 -3.65
C HIS A 138 -5.24 4.20 -5.04
N ILE A 139 -5.25 5.53 -5.15
CA ILE A 139 -5.23 6.23 -6.43
C ILE A 139 -4.11 7.26 -6.40
N ARG A 140 -3.21 7.16 -7.37
CA ARG A 140 -2.20 8.19 -7.55
C ARG A 140 -2.57 9.16 -8.68
N ILE A 141 -2.55 10.44 -8.34
CA ILE A 141 -2.92 11.50 -9.29
C ILE A 141 -1.73 12.41 -9.65
N LYS A 142 -1.67 12.80 -10.91
CA LYS A 142 -0.64 13.71 -11.44
C LYS A 142 -1.32 14.91 -12.09
N ASP A 143 -0.87 16.12 -11.71
CA ASP A 143 -1.36 17.40 -12.26
C ASP A 143 -2.87 17.57 -12.14
N TYR A 144 -3.37 17.34 -10.93
CA TYR A 144 -4.79 17.37 -10.66
C TYR A 144 -5.00 18.12 -9.32
N PRO A 145 -4.65 19.43 -9.28
CA PRO A 145 -4.76 20.16 -8.00
C PRO A 145 -6.18 20.24 -7.42
N GLU A 146 -7.20 20.20 -8.29
CA GLU A 146 -8.60 20.22 -7.86
C GLU A 146 -8.91 18.99 -7.01
N LYS A 147 -8.43 17.82 -7.44
CA LYS A 147 -8.61 16.60 -6.65
C LYS A 147 -7.79 16.54 -5.39
N LEU A 148 -6.58 17.10 -5.42
CA LEU A 148 -5.76 17.26 -4.21
C LEU A 148 -6.45 18.08 -3.13
N ASP A 149 -7.08 19.19 -3.52
CA ASP A 149 -7.83 20.01 -2.58
C ASP A 149 -8.95 19.19 -1.98
N LYS A 150 -9.69 18.45 -2.81
CA LYS A 150 -10.80 17.63 -2.32
C LYS A 150 -10.33 16.62 -1.26
N ALA A 151 -9.28 15.86 -1.57
CA ALA A 151 -8.75 14.85 -0.63
C ALA A 151 -8.28 15.45 0.69
N PHE A 152 -7.64 16.62 0.60
CA PHE A 152 -7.23 17.38 1.78
C PHE A 152 -8.42 17.81 2.64
N ALA A 153 -9.50 18.25 1.99
CA ALA A 153 -10.74 18.61 2.68
C ALA A 153 -11.39 17.40 3.34
N LEU A 154 -11.41 16.27 2.64
CA LEU A 154 -11.93 15.00 3.15
C LEU A 154 -11.14 14.41 4.31
N SER A 155 -9.84 14.73 4.38
CA SER A 155 -8.95 14.30 5.49
C SER A 155 -9.42 14.66 6.89
N ASP A 156 -10.25 15.70 6.99
CA ASP A 156 -10.83 16.17 8.26
C ASP A 156 -9.73 16.56 9.26
N GLY A 157 -8.84 17.45 8.79
CA GLY A 157 -7.76 18.00 9.61
C GLY A 157 -6.55 17.12 9.83
N ALA A 158 -6.57 15.89 9.31
CA ALA A 158 -5.41 14.98 9.36
C ALA A 158 -4.35 15.46 8.39
N ALA A 159 -4.81 16.16 7.34
CA ALA A 159 -3.99 17.01 6.49
C ALA A 159 -3.35 18.14 7.31
N ASP A 160 -2.07 17.95 7.64
CA ASP A 160 -1.26 18.79 8.56
C ASP A 160 -1.15 20.26 8.12
N GLY A 161 -1.15 20.49 6.81
CA GLY A 161 -1.09 21.84 6.24
C GLY A 161 -1.36 21.81 4.74
N ASN A 162 -1.76 22.95 4.20
CA ASN A 162 -2.01 23.07 2.76
C ASN A 162 -0.73 23.30 1.93
N TYR A 163 0.38 23.55 2.63
CA TYR A 163 1.74 23.55 2.04
C TYR A 163 2.19 22.14 1.61
N LEU A 164 1.53 21.12 2.17
CA LEU A 164 1.81 19.72 1.84
C LEU A 164 1.24 19.26 0.51
N LYS A 165 0.37 20.07 -0.11
CA LYS A 165 -0.14 19.86 -1.47
C LYS A 165 0.98 19.72 -2.49
N ASP A 166 2.11 20.37 -2.23
CA ASP A 166 3.34 20.25 -3.04
C ASP A 166 3.89 18.82 -3.08
N PHE A 167 3.57 18.02 -2.06
CA PHE A 167 4.22 16.72 -1.86
C PHE A 167 3.30 15.52 -2.10
N VAL A 168 2.02 15.77 -2.37
CA VAL A 168 1.04 14.69 -2.33
C VAL A 168 0.59 14.28 -3.73
N ASN A 169 0.68 12.99 -4.03
CA ASN A 169 0.15 12.44 -5.27
C ASN A 169 -0.71 11.21 -5.01
N LEU A 170 -0.37 10.46 -3.96
CA LEU A 170 -1.03 9.20 -3.65
C LEU A 170 -2.11 9.37 -2.60
N ILE A 171 -3.30 8.89 -2.94
CA ILE A 171 -4.44 8.96 -2.02
C ILE A 171 -4.86 7.53 -1.65
N GLY A 172 -5.00 7.28 -0.36
CA GLY A 172 -5.38 5.95 0.12
C GLY A 172 -6.79 5.90 0.69
N PHE A 173 -7.52 4.84 0.35
CA PHE A 173 -8.85 4.59 0.88
C PHE A 173 -8.91 3.24 1.58
N ASP A 174 -9.37 3.27 2.84
CA ASP A 174 -9.68 2.07 3.61
C ASP A 174 -11.19 1.95 3.85
N PHE A 175 -11.71 0.73 3.74
CA PHE A 175 -13.13 0.47 3.85
C PHE A 175 -13.29 -0.71 4.82
N TYR A 176 -13.54 -0.39 6.11
CA TYR A 176 -13.75 -1.39 7.17
C TYR A 176 -15.09 -2.07 7.06
N PHE A 177 -15.14 -3.37 7.37
CA PHE A 177 -16.36 -4.20 7.27
C PHE A 177 -17.49 -3.73 8.20
N ASN A 178 -17.15 -2.90 9.19
CA ASN A 178 -18.13 -2.36 10.12
C ASN A 178 -18.77 -1.04 9.65
N GLY A 179 -18.45 -0.60 8.45
CA GLY A 179 -19.03 0.60 7.88
C GLY A 179 -18.26 1.87 8.20
N LYS A 180 -17.14 1.75 8.90
CA LYS A 180 -16.22 2.89 9.05
C LYS A 180 -15.24 2.93 7.86
N SER A 181 -14.94 4.14 7.40
CA SER A 181 -14.04 4.34 6.26
C SER A 181 -13.08 5.49 6.53
N GLU A 182 -11.88 5.39 5.97
CA GLU A 182 -10.82 6.37 6.17
C GLU A 182 -10.16 6.78 4.84
N ILE A 183 -9.68 8.01 4.81
CA ILE A 183 -8.84 8.53 3.75
C ILE A 183 -7.44 8.84 4.33
N GLU A 184 -6.42 8.58 3.53
CA GLU A 184 -5.06 8.86 3.89
C GLU A 184 -4.40 9.62 2.74
N ILE A 185 -3.59 10.62 3.12
CA ILE A 185 -2.80 11.45 2.22
C ILE A 185 -1.33 11.08 2.46
N TYR A 186 -0.59 10.80 1.40
CA TYR A 186 0.83 10.46 1.51
C TYR A 186 1.69 11.57 0.89
N ALA A 187 2.44 12.27 1.74
CA ALA A 187 3.40 13.31 1.33
C ALA A 187 4.72 12.64 0.98
N GLU A 188 5.20 12.85 -0.24
CA GLU A 188 6.42 12.19 -0.74
C GLU A 188 7.61 13.11 -1.03
N VAL A 189 8.81 12.53 -0.91
CA VAL A 189 10.03 13.13 -1.40
C VAL A 189 10.76 12.06 -2.18
N GLN A 190 11.10 12.38 -3.43
CA GLN A 190 11.85 11.48 -4.30
C GLN A 190 13.35 11.65 -4.06
N GLU A 191 14.11 10.59 -4.38
CA GLU A 191 15.55 10.52 -4.19
C GLU A 191 16.34 11.71 -4.72
N ASP A 192 15.99 12.17 -5.92
CA ASP A 192 16.68 13.29 -6.59
C ASP A 192 16.61 14.60 -5.81
N ASP A 193 15.61 14.69 -4.92
CA ASP A 193 15.37 15.88 -4.11
C ASP A 193 15.86 15.78 -2.65
N PHE A 194 16.37 14.62 -2.22
CA PHE A 194 16.77 14.39 -0.82
C PHE A 194 17.73 15.44 -0.26
N PHE A 195 18.65 15.91 -1.12
CA PHE A 195 19.74 16.80 -0.72
C PHE A 195 19.54 18.28 -1.05
N LYS A 196 18.35 18.63 -1.50
CA LYS A 196 18.01 20.01 -1.83
C LYS A 196 17.67 20.81 -0.56
N PRO A 197 18.10 22.10 -0.50
CA PRO A 197 17.86 22.92 0.70
C PRO A 197 16.38 23.21 0.99
N GLU A 198 15.55 23.29 -0.05
CA GLU A 198 14.11 23.50 0.10
C GLU A 198 13.48 22.34 0.86
N ILE A 199 13.96 21.13 0.55
CA ILE A 199 13.52 19.88 1.17
C ILE A 199 13.95 19.81 2.65
N ASN A 200 15.17 20.27 2.94
CA ASN A 200 15.65 20.37 4.32
C ASN A 200 14.81 21.36 5.10
N ASN A 201 14.50 22.49 4.45
CA ASN A 201 13.67 23.54 5.05
C ASN A 201 12.26 23.08 5.40
N LEU A 202 11.61 22.45 4.43
CA LEU A 202 10.17 22.15 4.51
C LEU A 202 9.86 20.78 5.10
N VAL A 203 10.81 19.85 4.98
CA VAL A 203 10.62 18.47 5.45
C VAL A 203 11.63 18.07 6.55
N TRP A 204 12.89 17.83 6.18
CA TRP A 204 13.88 17.13 7.03
C TRP A 204 14.12 17.68 8.46
N GLN A 205 14.17 19.00 8.58
CA GLN A 205 14.44 19.65 9.87
C GLN A 205 13.34 19.46 10.93
N HIS A 206 12.18 18.98 10.49
CA HIS A 206 11.04 18.66 11.37
C HIS A 206 11.09 17.22 11.90
N PHE A 207 12.03 16.44 11.39
CA PHE A 207 12.18 15.06 11.80
C PHE A 207 13.44 14.92 12.62
N PRO A 208 13.41 14.02 13.64
CA PRO A 208 14.64 13.74 14.38
C PRO A 208 15.64 13.08 13.44
N LYS A 209 16.91 13.10 13.85
CA LYS A 209 18.03 12.60 13.05
C LYS A 209 17.91 11.12 12.66
N THR A 210 17.38 10.29 13.58
CA THR A 210 17.16 8.86 13.34
C THR A 210 16.21 8.59 12.15
N ALA A 211 15.22 9.47 11.95
CA ALA A 211 14.32 9.38 10.80
C ALA A 211 15.02 9.62 9.46
N LEU A 212 16.16 10.31 9.48
CA LEU A 212 16.90 10.65 8.28
C LEU A 212 17.87 9.58 7.81
N GLN A 213 18.33 8.74 8.74
CA GLN A 213 19.31 7.67 8.45
C GLN A 213 18.91 6.67 7.34
N PRO A 214 17.63 6.18 7.32
CA PRO A 214 17.30 5.19 6.27
C PRO A 214 17.20 5.76 4.85
N LEU A 215 17.20 7.09 4.72
CA LEU A 215 17.16 7.75 3.40
C LEU A 215 18.35 7.38 2.52
N LYS A 216 19.46 7.04 3.18
CA LYS A 216 20.70 6.62 2.55
C LYS A 216 20.51 5.41 1.64
N ALA A 217 19.57 4.55 2.01
CA ALA A 217 19.32 3.30 1.30
C ALA A 217 18.00 3.33 0.54
N SER A 218 17.40 4.51 0.47
CA SER A 218 16.04 4.65 -0.08
C SER A 218 15.98 5.39 -1.41
N SER A 219 15.02 5.02 -2.25
CA SER A 219 14.76 5.75 -3.49
C SER A 219 13.58 6.70 -3.36
N LEU A 220 12.78 6.51 -2.30
CA LEU A 220 11.56 7.28 -2.09
C LEU A 220 11.17 7.30 -0.60
N PHE A 221 10.48 8.37 -0.20
CA PHE A 221 10.05 8.59 1.18
C PHE A 221 8.62 9.14 1.20
N PHE A 222 7.72 8.47 1.94
CA PHE A 222 6.36 8.95 2.21
C PHE A 222 6.19 9.26 3.69
N THR A 223 5.33 10.22 4.01
CA THR A 223 4.72 10.32 5.33
C THR A 223 3.23 10.17 5.12
N GLY A 224 2.67 9.16 5.78
CA GLY A 224 1.24 8.84 5.67
C GLY A 224 0.47 9.59 6.72
N LEU A 225 -0.48 10.41 6.26
CA LEU A 225 -1.32 11.26 7.12
C LEU A 225 -2.79 10.83 7.07
N SER A 226 -3.31 10.41 8.21
CA SER A 226 -4.71 9.99 8.34
C SER A 226 -5.10 10.08 9.82
N LYS A 227 -6.36 10.44 10.08
CA LYS A 227 -6.86 10.48 11.46
C LYS A 227 -7.09 9.07 12.03
N ALA A 228 -6.99 8.05 11.18
CA ALA A 228 -6.97 6.66 11.62
C ALA A 228 -5.59 6.26 12.17
N ASN A 229 -4.55 7.05 11.85
CA ASN A 229 -3.18 6.81 12.31
C ASN A 229 -3.00 7.38 13.72
N ASN A 230 -2.53 6.55 14.66
CA ASN A 230 -2.12 7.01 15.99
C ASN A 230 -1.01 8.05 15.90
N ASN A 231 -0.02 7.78 15.05
CA ASN A 231 1.08 8.68 14.73
C ASN A 231 1.32 8.75 13.23
N PRO A 232 1.91 9.86 12.72
CA PRO A 232 2.35 9.86 11.31
C PRO A 232 3.21 8.64 10.99
N VAL A 233 2.86 7.95 9.92
CA VAL A 233 3.61 6.76 9.52
C VAL A 233 4.65 7.15 8.46
N LEU A 234 5.91 6.90 8.76
CA LEU A 234 6.98 7.19 7.84
C LEU A 234 7.24 5.95 7.00
N TYR A 235 7.28 6.13 5.68
CA TYR A 235 7.53 5.03 4.75
C TYR A 235 8.84 5.22 3.98
N TYR A 236 9.65 4.17 3.95
CA TYR A 236 10.94 4.17 3.27
C TYR A 236 10.94 3.10 2.19
N HIS A 237 11.25 3.53 0.96
CA HIS A 237 11.35 2.60 -0.16
C HIS A 237 12.80 2.16 -0.33
N LEU A 238 13.14 1.03 0.28
CA LEU A 238 14.49 0.48 0.21
C LEU A 238 14.73 -0.12 -1.15
N LYS A 239 15.80 0.34 -1.80
CA LYS A 239 16.26 -0.19 -3.10
C LYS A 239 16.53 -1.69 -3.06
N ASN A 240 17.10 -2.16 -1.96
CA ASN A 240 17.31 -3.58 -1.73
C ASN A 240 16.82 -3.98 -0.36
N ARG A 241 15.90 -4.95 -0.36
CA ARG A 241 15.27 -5.45 0.86
C ARG A 241 16.24 -6.04 1.90
N GLN A 242 17.43 -6.44 1.42
CA GLN A 242 18.52 -6.92 2.27
C GLN A 242 19.04 -5.84 3.23
N ASP A 243 18.87 -4.57 2.86
CA ASP A 243 19.30 -3.47 3.73
C ASP A 243 18.39 -3.23 4.94
N LEU A 244 17.27 -3.94 5.02
CA LEU A 244 16.29 -3.78 6.11
C LEU A 244 16.98 -3.77 7.46
N THR A 245 17.70 -4.85 7.76
CA THR A 245 18.35 -5.06 9.06
C THR A 245 19.48 -4.05 9.33
N ASN A 246 20.11 -3.56 8.27
CA ASN A 246 21.14 -2.51 8.40
C ASN A 246 20.61 -1.21 8.94
N TYR A 247 19.39 -0.87 8.58
CA TYR A 247 18.83 0.45 8.88
C TYR A 247 17.68 0.45 9.88
N PHE A 248 17.12 -0.71 10.17
CA PHE A 248 15.99 -0.81 11.09
C PHE A 248 16.32 -1.86 12.15
N LYS A 249 16.17 -1.49 13.41
CA LYS A 249 16.42 -2.41 14.52
C LYS A 249 15.19 -3.29 14.74
N LEU A 250 15.20 -4.46 14.09
CA LEU A 250 14.04 -5.36 14.08
C LEU A 250 13.89 -6.16 15.36
N ASN A 251 12.63 -6.36 15.78
CA ASN A 251 12.33 -7.33 16.83
C ASN A 251 12.26 -8.73 16.24
N ASP A 252 12.01 -9.73 17.10
CA ASP A 252 12.04 -11.14 16.70
C ASP A 252 11.03 -11.45 15.62
N THR A 253 9.79 -10.97 15.81
CA THR A 253 8.69 -11.19 14.88
C THR A 253 9.02 -10.65 13.47
N ALA A 254 9.49 -9.41 13.40
CA ALA A 254 9.86 -8.78 12.13
C ALA A 254 11.09 -9.42 11.47
N GLN A 255 12.01 -9.93 12.29
CA GLN A 255 13.18 -10.69 11.81
C GLN A 255 12.75 -11.99 11.12
N ARG A 256 11.75 -12.66 11.71
CA ARG A 256 11.11 -13.82 11.11
C ARG A 256 10.55 -13.53 9.69
N VAL A 257 9.84 -12.41 9.55
CA VAL A 257 9.34 -11.96 8.25
C VAL A 257 10.50 -11.68 7.28
N HIS A 258 11.48 -10.90 7.74
CA HIS A 258 12.68 -10.59 6.99
C HIS A 258 13.38 -11.87 6.53
N SER A 259 13.57 -12.82 7.44
CA SER A 259 14.25 -14.09 7.14
C SER A 259 13.54 -14.89 6.08
N PHE A 260 12.22 -15.04 6.22
CA PHE A 260 11.44 -15.75 5.21
C PHE A 260 11.66 -15.15 3.82
N TYR A 261 11.71 -13.82 3.73
CA TYR A 261 11.71 -13.15 2.44
C TYR A 261 13.08 -13.02 1.73
N GLN A 262 14.16 -13.13 2.50
CA GLN A 262 15.51 -12.94 1.95
C GLN A 262 15.75 -13.74 0.68
N HIS A 263 15.14 -14.92 0.58
CA HIS A 263 15.40 -15.83 -0.51
C HIS A 263 14.17 -16.34 -1.27
N GLN A 264 13.06 -15.62 -1.14
CA GLN A 264 11.92 -15.84 -2.01
C GLN A 264 12.18 -15.21 -3.39
N ASP A 265 11.51 -15.74 -4.41
CA ASP A 265 11.65 -15.18 -5.76
C ASP A 265 10.76 -13.94 -5.96
N ILE A 266 11.25 -12.80 -5.48
CA ILE A 266 10.49 -11.56 -5.46
C ILE A 266 11.35 -10.39 -5.94
N LEU A 267 10.71 -9.24 -6.11
CA LEU A 267 11.38 -8.01 -6.51
C LEU A 267 12.43 -7.58 -5.47
N PRO A 268 13.53 -6.93 -5.93
CA PRO A 268 14.63 -6.55 -5.07
C PRO A 268 14.26 -5.53 -4.00
N TYR A 269 13.39 -4.58 -4.35
CA TYR A 269 12.98 -3.52 -3.45
C TYR A 269 11.88 -3.94 -2.47
N MET A 270 11.75 -3.20 -1.38
CA MET A 270 10.63 -3.35 -0.43
C MET A 270 10.23 -1.97 0.09
N TRP A 271 9.06 -1.90 0.71
CA TRP A 271 8.67 -0.74 1.50
C TRP A 271 8.68 -1.08 2.98
N VAL A 272 9.02 -0.09 3.80
CA VAL A 272 9.04 -0.23 5.24
C VAL A 272 8.26 0.95 5.82
N GLY A 273 7.31 0.65 6.71
CA GLY A 273 6.52 1.68 7.36
C GLY A 273 6.66 1.58 8.87
N THR A 274 6.90 2.72 9.50
CA THR A 274 7.08 2.79 10.95
C THR A 274 6.82 4.21 11.45
N ALA A 275 6.28 4.33 12.67
CA ALA A 275 6.07 5.61 13.32
C ALA A 275 7.42 6.21 13.70
N GLN A 276 7.52 7.53 13.63
CA GLN A 276 8.72 8.28 13.96
C GLN A 276 9.34 7.88 15.31
N LYS A 277 8.52 7.72 16.35
CA LYS A 277 9.04 7.41 17.68
C LYS A 277 9.64 5.99 17.83
N GLU A 278 9.28 5.08 16.92
CA GLU A 278 9.92 3.75 16.88
C GLU A 278 11.40 3.85 16.55
N LEU A 279 11.76 4.77 15.66
CA LEU A 279 13.16 4.93 15.22
C LEU A 279 14.06 5.55 16.30
N GLU A 280 13.44 6.27 17.25
CA GLU A 280 14.13 6.80 18.43
C GLU A 280 14.52 5.71 19.43
N LYS A 281 13.83 4.57 19.37
CA LYS A 281 14.03 3.41 20.25
C LYS A 281 15.29 2.61 19.93
N THR A 282 15.60 1.68 20.83
CA THR A 282 16.74 0.77 20.67
C THR A 282 16.37 -0.48 19.85
N ARG A 283 15.06 -0.69 19.70
CA ARG A 283 14.47 -1.81 18.99
C ARG A 283 13.08 -1.33 18.55
N ILE A 284 12.77 -1.49 17.27
CA ILE A 284 11.43 -1.15 16.76
C ILE A 284 10.45 -2.24 17.21
N GLU A 285 9.32 -1.84 17.78
CA GLU A 285 8.28 -2.80 18.18
C GLU A 285 7.11 -2.90 17.21
N ASN A 286 6.83 -1.78 16.54
CA ASN A 286 5.71 -1.67 15.59
C ASN A 286 6.26 -1.27 14.24
N ILE A 287 6.07 -2.15 13.26
CA ILE A 287 6.62 -1.97 11.90
C ILE A 287 5.72 -2.67 10.86
N ARG A 288 5.72 -2.13 9.64
CA ARG A 288 4.97 -2.68 8.52
C ARG A 288 5.97 -3.00 7.44
N LEU A 289 5.90 -4.21 6.88
CA LEU A 289 6.86 -4.65 5.86
C LEU A 289 6.14 -5.10 4.60
N TYR A 290 6.55 -4.56 3.45
CA TYR A 290 5.79 -4.76 2.20
C TYR A 290 6.70 -5.34 1.15
N TYR A 291 6.27 -6.46 0.56
CA TYR A 291 7.04 -7.15 -0.47
C TYR A 291 6.26 -7.27 -1.79
N TYR A 292 6.99 -7.36 -2.91
CA TYR A 292 6.38 -7.19 -4.25
C TYR A 292 6.85 -8.19 -5.28
N LYS A 293 5.92 -8.60 -6.13
CA LYS A 293 6.21 -9.39 -7.32
C LYS A 293 5.40 -8.82 -8.49
N SER A 294 6.02 -8.78 -9.66
CA SER A 294 5.34 -8.37 -10.89
C SER A 294 5.10 -9.56 -11.77
N PHE A 295 4.03 -9.47 -12.55
CA PHE A 295 3.56 -10.54 -13.38
C PHE A 295 3.32 -9.92 -14.74
N LYS A 296 4.30 -10.06 -15.62
CA LYS A 296 4.18 -9.54 -16.99
C LYS A 296 3.75 -10.66 -17.92
N ILE B 1 9.05 3.90 -11.50
CA ILE B 1 10.01 3.05 -10.74
C ILE B 1 9.43 1.87 -9.93
N ASN B 2 8.46 2.14 -9.05
CA ASN B 2 7.82 1.10 -8.23
C ASN B 2 6.28 1.20 -8.26
N PRO B 3 5.56 0.22 -7.68
CA PRO B 3 4.10 0.20 -7.90
C PRO B 3 3.33 1.46 -7.40
N TYR B 4 3.90 2.21 -6.46
CA TYR B 4 3.31 3.46 -5.93
C TYR B 4 3.76 4.75 -6.61
N LEU B 5 4.71 4.63 -7.55
CA LEU B 5 5.21 5.76 -8.33
C LEU B 5 5.58 5.26 -9.72
N TYR B 6 4.69 5.54 -10.67
CA TYR B 6 4.70 5.01 -12.05
C TYR B 6 6.06 4.67 -12.71
N PRO B 7 7.03 5.63 -12.76
CA PRO B 7 8.30 5.27 -13.44
C PRO B 7 9.31 4.33 -12.74
#